data_2WUQ
#
_entry.id   2WUQ
#
_cell.length_a   54.140
_cell.length_b   94.580
_cell.length_c   61.380
_cell.angle_alpha   90.00
_cell.angle_beta   99.54
_cell.angle_gamma   90.00
#
_symmetry.space_group_name_H-M   'P 1 21 1'
#
loop_
_entity.id
_entity.type
_entity.pdbx_description
1 polymer 'BETA-LACTAMASE REGULATORY PROTEIN BLAB'
2 non-polymer GLYCEROL
3 water water
#
_entity_poly.entity_id   1
_entity_poly.type   'polypeptide(L)'
_entity_poly.pdbx_seq_one_letter_code
;VLNSESLLRELRDALHEGGLTGSFLVRDLYTGEELGIDPDTELPTASLVKLPLALATLERIRLGEVDGAQQIEVAPGRIT
TPGPTGLSRFRHPARVAVDDLLYLSTSVSDGTASDALFEITPPAQVEQMVREWGFRDLTVRHSMRELSETPAERFESADA
HLAHALAISAGTSGRGHRVPQLDVARANTGTARAFVDLLEALWAPVLTGPRPGRTSRALPPEPAARLRELMAANLLRHRL
APDFASDAATWSSKTGTLLNLRHEVGVVEHADGQVFAVAVLTESQVPADSQPGAEALMAQVARRLRDRLREWHHHHHH
;
_entity_poly.pdbx_strand_id   A,B
#
loop_
_chem_comp.id
_chem_comp.type
_chem_comp.name
_chem_comp.formula
GOL non-polymer GLYCEROL 'C3 H8 O3'
#
# COMPACT_ATOMS: atom_id res chain seq x y z
N ASN A 3 -4.92 -36.28 9.73
CA ASN A 3 -4.65 -35.27 8.68
C ASN A 3 -4.28 -33.92 9.34
N SER A 4 -5.19 -32.95 9.26
CA SER A 4 -4.90 -31.57 9.64
C SER A 4 -5.70 -31.04 10.82
N GLU A 5 -6.34 -31.92 11.59
CA GLU A 5 -7.10 -31.51 12.77
C GLU A 5 -6.22 -30.72 13.72
N SER A 6 -4.98 -31.21 13.90
CA SER A 6 -4.01 -30.60 14.83
C SER A 6 -3.66 -29.17 14.38
N LEU A 7 -3.37 -29.04 13.08
CA LEU A 7 -3.10 -27.74 12.50
C LEU A 7 -4.25 -26.78 12.71
N LEU A 8 -5.47 -27.23 12.43
CA LEU A 8 -6.63 -26.36 12.63
C LEU A 8 -6.79 -25.93 14.08
N ARG A 9 -6.58 -26.84 15.05
CA ARG A 9 -6.69 -26.43 16.47
C ARG A 9 -5.65 -25.40 16.81
N GLU A 10 -4.43 -25.65 16.34
CA GLU A 10 -3.35 -24.71 16.59
C GLU A 10 -3.66 -23.31 16.03
N LEU A 11 -4.24 -23.25 14.84
CA LEU A 11 -4.54 -21.97 14.25
C LEU A 11 -5.73 -21.32 14.95
N ARG A 12 -6.75 -22.13 15.28
CA ARG A 12 -7.82 -21.58 16.13
C ARG A 12 -7.34 -21.01 17.48
N ASP A 13 -6.43 -21.71 18.15
CA ASP A 13 -5.79 -21.20 19.37
C ASP A 13 -5.13 -19.83 19.20
N ALA A 14 -4.36 -19.68 18.12
CA ALA A 14 -3.65 -18.46 17.80
C ALA A 14 -4.65 -17.32 17.58
N LEU A 15 -5.73 -17.62 16.86
CA LEU A 15 -6.75 -16.63 16.56
C LEU A 15 -7.41 -16.20 17.86
N HIS A 16 -7.81 -17.17 18.71
CA HIS A 16 -8.42 -16.85 20.00
C HIS A 16 -7.51 -15.96 20.84
N GLU A 17 -6.23 -16.35 20.93
CA GLU A 17 -5.26 -15.59 21.73
C GLU A 17 -5.07 -14.18 21.20
N GLY A 18 -5.15 -14.02 19.89
CA GLY A 18 -5.03 -12.71 19.24
C GLY A 18 -6.31 -11.90 19.20
N GLY A 19 -7.38 -12.41 19.79
CA GLY A 19 -8.68 -11.71 19.83
C GLY A 19 -9.40 -11.62 18.49
N LEU A 20 -9.21 -12.62 17.64
CA LEU A 20 -9.82 -12.65 16.32
C LEU A 20 -10.79 -13.82 16.17
N THR A 21 -11.93 -13.57 15.52
CA THR A 21 -12.83 -14.63 15.04
C THR A 21 -13.04 -14.37 13.54
N GLY A 22 -13.49 -15.37 12.79
CA GLY A 22 -13.79 -15.11 11.38
C GLY A 22 -14.04 -16.34 10.55
N SER A 23 -13.71 -16.22 9.26
CA SER A 23 -14.00 -17.24 8.27
C SER A 23 -12.71 -17.31 7.43
N PHE A 24 -12.04 -18.48 7.44
CA PHE A 24 -10.85 -18.69 6.63
C PHE A 24 -11.08 -19.87 5.70
N LEU A 25 -10.64 -19.72 4.46
CA LEU A 25 -10.60 -20.84 3.51
C LEU A 25 -9.47 -20.70 2.51
N VAL A 26 -8.68 -21.77 2.37
CA VAL A 26 -7.65 -21.88 1.32
C VAL A 26 -7.95 -23.12 0.46
N ARG A 27 -7.94 -22.93 -0.85
CA ARG A 27 -8.20 -24.00 -1.80
C ARG A 27 -7.14 -24.09 -2.88
N ASP A 28 -6.67 -25.31 -3.13
CA ASP A 28 -5.80 -25.62 -4.25
C ASP A 28 -6.67 -25.62 -5.47
N LEU A 29 -6.45 -24.67 -6.39
CA LEU A 29 -7.36 -24.48 -7.52
C LEU A 29 -7.32 -25.58 -8.56
N TYR A 30 -6.27 -26.39 -8.54
CA TYR A 30 -6.20 -27.51 -9.48
C TYR A 30 -6.89 -28.73 -8.92
N THR A 31 -6.53 -29.04 -7.69
CA THR A 31 -6.87 -30.30 -7.06
C THR A 31 -8.25 -30.21 -6.35
N GLY A 32 -8.64 -28.99 -5.97
CA GLY A 32 -9.90 -28.71 -5.24
C GLY A 32 -9.82 -28.94 -3.75
N GLU A 33 -8.68 -29.45 -3.27
CA GLU A 33 -8.49 -29.75 -1.86
C GLU A 33 -8.46 -28.41 -1.15
N GLU A 34 -9.05 -28.36 0.03
CA GLU A 34 -9.18 -27.10 0.76
C GLU A 34 -9.08 -27.32 2.25
N LEU A 35 -8.76 -26.25 2.98
CA LEU A 35 -8.64 -26.31 4.44
C LEU A 35 -9.17 -24.99 4.93
N GLY A 36 -10.04 -25.03 5.93
CA GLY A 36 -10.68 -23.81 6.37
C GLY A 36 -10.95 -23.77 7.85
N ILE A 37 -11.34 -22.59 8.31
CA ILE A 37 -11.77 -22.38 9.69
C ILE A 37 -13.07 -21.62 9.53
N ASP A 38 -14.17 -22.27 9.93
CA ASP A 38 -15.51 -21.67 9.77
C ASP A 38 -15.71 -21.00 8.40
N PRO A 39 -15.48 -21.74 7.29
CA PRO A 39 -15.46 -21.04 5.96
C PRO A 39 -16.84 -20.59 5.47
N ASP A 40 -17.90 -21.04 6.16
CA ASP A 40 -19.27 -20.69 5.76
C ASP A 40 -19.95 -19.65 6.67
N THR A 41 -19.16 -18.99 7.49
CA THR A 41 -19.65 -17.97 8.41
C THR A 41 -19.81 -16.62 7.71
N GLU A 42 -21.01 -16.05 7.78
CA GLU A 42 -21.32 -14.78 7.12
C GLU A 42 -20.77 -13.60 7.93
N LEU A 43 -20.01 -12.72 7.29
CA LEU A 43 -19.55 -11.48 7.90
C LEU A 43 -19.79 -10.34 6.90
N PRO A 44 -19.93 -9.10 7.39
CA PRO A 44 -20.00 -7.94 6.51
C PRO A 44 -18.68 -7.85 5.75
N THR A 45 -18.75 -7.55 4.46
CA THR A 45 -17.57 -7.66 3.60
C THR A 45 -16.72 -6.38 3.43
N ALA A 46 -17.23 -5.26 3.92
CA ALA A 46 -16.55 -3.96 3.73
C ALA A 46 -16.07 -3.79 2.28
N SER A 47 -14.80 -3.40 2.09
CA SER A 47 -14.30 -3.11 0.73
C SER A 47 -14.27 -4.31 -0.22
N LEU A 48 -14.43 -5.53 0.29
CA LEU A 48 -14.44 -6.71 -0.62
C LEU A 48 -15.54 -6.66 -1.67
N VAL A 49 -16.62 -5.92 -1.37
CA VAL A 49 -17.73 -5.76 -2.32
C VAL A 49 -17.27 -5.12 -3.64
N LYS A 50 -16.12 -4.45 -3.60
CA LYS A 50 -15.54 -3.83 -4.81
C LYS A 50 -15.16 -4.90 -5.85
N LEU A 51 -14.95 -6.13 -5.39
CA LEU A 51 -14.68 -7.23 -6.35
C LEU A 51 -15.86 -7.60 -7.24
N PRO A 52 -17.02 -8.01 -6.68
CA PRO A 52 -18.17 -8.25 -7.56
C PRO A 52 -18.55 -7.03 -8.39
N LEU A 53 -18.43 -5.84 -7.80
CA LEU A 53 -18.72 -4.61 -8.52
C LEU A 53 -17.86 -4.50 -9.77
N ALA A 54 -16.56 -4.74 -9.65
CA ALA A 54 -15.64 -4.66 -10.79
C ALA A 54 -16.03 -5.68 -11.84
N LEU A 55 -16.27 -6.91 -11.41
CA LEU A 55 -16.66 -7.97 -12.33
C LEU A 55 -17.92 -7.64 -13.13
N ALA A 56 -18.95 -7.21 -12.40
CA ALA A 56 -20.20 -6.81 -13.01
C ALA A 56 -19.99 -5.67 -14.00
N THR A 57 -19.20 -4.66 -13.60
CA THR A 57 -18.92 -3.53 -14.48
C THR A 57 -18.21 -4.00 -15.78
N LEU A 58 -17.20 -4.85 -15.60
CA LEU A 58 -16.39 -5.36 -16.71
C LEU A 58 -17.23 -6.20 -17.66
N GLU A 59 -18.18 -6.94 -17.10
CA GLU A 59 -19.11 -7.70 -17.96
C GLU A 59 -20.01 -6.74 -18.76
N ARG A 60 -20.55 -5.70 -18.12
CA ARG A 60 -21.28 -4.65 -18.82
C ARG A 60 -20.50 -3.92 -19.90
N ILE A 61 -19.21 -3.67 -19.67
CA ILE A 61 -18.33 -3.17 -20.73
C ILE A 61 -18.25 -4.15 -21.92
N ARG A 62 -18.04 -5.43 -21.64
CA ARG A 62 -18.04 -6.46 -22.70
C ARG A 62 -19.33 -6.44 -23.53
N LEU A 63 -20.46 -6.29 -22.83
CA LEU A 63 -21.79 -6.26 -23.47
C LEU A 63 -22.12 -4.97 -24.23
N GLY A 64 -21.26 -3.97 -24.11
CA GLY A 64 -21.53 -2.64 -24.72
C GLY A 64 -22.54 -1.79 -23.95
N GLU A 65 -22.87 -2.20 -22.71
CA GLU A 65 -23.82 -1.47 -21.86
C GLU A 65 -23.13 -0.30 -21.16
N VAL A 66 -21.84 -0.42 -20.95
CA VAL A 66 -21.03 0.60 -20.29
C VAL A 66 -19.79 0.85 -21.17
N ASP A 67 -19.43 2.12 -21.30
CA ASP A 67 -18.28 2.50 -22.11
C ASP A 67 -17.12 2.76 -21.17
N GLY A 68 -16.09 1.92 -21.23
CA GLY A 68 -14.93 2.09 -20.35
C GLY A 68 -14.21 3.43 -20.53
N ALA A 69 -14.38 4.04 -21.71
CA ALA A 69 -13.82 5.36 -22.02
C ALA A 69 -14.66 6.56 -21.54
N GLN A 70 -15.87 6.31 -21.02
CA GLN A 70 -16.78 7.39 -20.62
C GLN A 70 -16.13 8.15 -19.49
N GLN A 71 -16.03 9.48 -19.65
CA GLN A 71 -15.43 10.33 -18.63
C GLN A 71 -16.46 10.78 -17.60
N ILE A 72 -16.20 10.52 -16.33
CA ILE A 72 -17.12 10.82 -15.25
C ILE A 72 -16.62 12.01 -14.46
N GLU A 73 -17.49 12.98 -14.23
CA GLU A 73 -17.14 14.10 -13.35
C GLU A 73 -17.45 13.67 -11.91
N VAL A 74 -16.40 13.56 -11.09
CA VAL A 74 -16.52 13.00 -9.76
C VAL A 74 -16.33 14.06 -8.70
N ALA A 75 -17.34 14.19 -7.83
CA ALA A 75 -17.30 15.12 -6.70
C ALA A 75 -16.31 14.59 -5.67
N PRO A 76 -15.50 15.47 -5.06
CA PRO A 76 -14.45 14.96 -4.15
C PRO A 76 -15.01 14.45 -2.84
N GLY A 77 -14.38 13.41 -2.30
CA GLY A 77 -14.76 12.87 -1.00
C GLY A 77 -14.47 13.84 0.14
N ARG A 78 -13.41 14.64 0.01
CA ARG A 78 -12.99 15.57 1.08
C ARG A 78 -12.79 14.95 2.46
N ILE A 79 -12.49 13.66 2.51
CA ILE A 79 -12.26 12.93 3.78
C ILE A 79 -10.86 13.21 4.31
N THR A 80 -10.76 13.55 5.59
CA THR A 80 -9.49 13.87 6.21
C THR A 80 -9.17 12.93 7.38
N THR A 81 -10.09 12.04 7.70
CA THR A 81 -9.88 11.10 8.79
C THR A 81 -9.20 9.87 8.19
N PRO A 82 -8.53 9.04 9.01
CA PRO A 82 -7.76 7.91 8.47
C PRO A 82 -8.60 6.86 7.76
N GLY A 83 -8.05 6.25 6.71
CA GLY A 83 -8.67 5.10 6.07
C GLY A 83 -9.02 5.23 4.59
N PRO A 84 -10.05 6.02 4.24
CA PRO A 84 -10.42 6.17 2.81
C PRO A 84 -9.26 6.60 1.89
N THR A 85 -9.30 6.24 0.61
CA THR A 85 -8.16 6.47 -0.31
C THR A 85 -8.64 7.09 -1.62
N GLY A 86 -7.69 7.62 -2.39
CA GLY A 86 -8.00 8.07 -3.76
C GLY A 86 -8.93 9.24 -3.78
N LEU A 87 -9.93 9.18 -4.67
CA LEU A 87 -10.94 10.25 -4.81
C LEU A 87 -11.63 10.60 -3.48
N SER A 88 -11.65 9.63 -2.56
CA SER A 88 -12.25 9.83 -1.25
C SER A 88 -11.58 10.98 -0.50
N ARG A 89 -10.28 11.18 -0.74
CA ARG A 89 -9.45 12.20 -0.06
C ARG A 89 -9.21 13.45 -0.92
N PHE A 90 -9.70 13.43 -2.15
CA PHE A 90 -9.59 14.64 -3.02
C PHE A 90 -10.27 15.87 -2.40
N ARG A 91 -9.75 17.06 -2.70
CA ARG A 91 -10.37 18.28 -2.18
CA ARG A 91 -10.32 18.32 -2.20
C ARG A 91 -11.21 18.92 -3.29
N HIS A 92 -10.93 18.54 -4.54
CA HIS A 92 -11.58 19.17 -5.69
C HIS A 92 -12.21 18.16 -6.64
N PRO A 93 -13.16 18.61 -7.48
CA PRO A 93 -13.70 17.73 -8.50
C PRO A 93 -12.61 17.18 -9.44
N ALA A 94 -12.84 15.99 -9.94
CA ALA A 94 -11.91 15.38 -10.87
C ALA A 94 -12.72 14.69 -11.97
N ARG A 95 -12.09 14.50 -13.12
CA ARG A 95 -12.73 13.85 -14.25
C ARG A 95 -11.92 12.61 -14.61
N VAL A 96 -12.57 11.45 -14.56
CA VAL A 96 -11.88 10.15 -14.63
C VAL A 96 -12.78 9.22 -15.43
N ALA A 97 -12.15 8.43 -16.31
CA ALA A 97 -12.86 7.48 -17.15
C ALA A 97 -13.28 6.26 -16.37
N VAL A 98 -14.37 5.62 -16.80
CA VAL A 98 -14.83 4.35 -16.19
C VAL A 98 -13.72 3.32 -15.98
N ASP A 99 -12.92 3.02 -17.02
CA ASP A 99 -11.81 2.06 -16.87
C ASP A 99 -10.88 2.44 -15.70
N ASP A 100 -10.63 3.74 -15.54
CA ASP A 100 -9.71 4.23 -14.53
C ASP A 100 -10.36 4.31 -13.13
N LEU A 101 -11.68 4.48 -13.08
CA LEU A 101 -12.41 4.33 -11.81
C LEU A 101 -12.34 2.85 -11.39
N LEU A 102 -12.38 1.92 -12.36
CA LEU A 102 -12.22 0.50 -11.99
C LEU A 102 -10.87 0.26 -11.31
N TYR A 103 -9.83 0.92 -11.81
CA TYR A 103 -8.51 0.81 -11.22
C TYR A 103 -8.51 1.40 -9.80
N LEU A 104 -9.02 2.62 -9.68
CA LEU A 104 -9.07 3.28 -8.36
C LEU A 104 -9.84 2.44 -7.32
N SER A 105 -11.07 2.06 -7.69
CA SER A 105 -11.94 1.26 -6.83
C SER A 105 -11.30 -0.08 -6.46
N THR A 106 -10.86 -0.83 -7.46
CA THR A 106 -10.44 -2.20 -7.22
C THR A 106 -9.01 -2.33 -6.68
N SER A 107 -8.12 -1.53 -7.23
CA SER A 107 -6.70 -1.65 -6.93
C SER A 107 -6.22 -0.69 -5.84
N VAL A 108 -6.90 0.45 -5.72
CA VAL A 108 -6.55 1.45 -4.72
C VAL A 108 -7.59 1.45 -3.55
N SER A 109 -8.66 0.68 -3.71
CA SER A 109 -9.74 0.59 -2.70
C SER A 109 -10.45 1.94 -2.41
N ASP A 110 -10.61 2.74 -3.46
CA ASP A 110 -11.12 4.08 -3.43
C ASP A 110 -12.66 4.03 -3.35
N GLY A 111 -13.17 4.38 -2.18
CA GLY A 111 -14.61 4.36 -1.89
C GLY A 111 -15.41 5.28 -2.75
N THR A 112 -14.89 6.46 -3.01
CA THR A 112 -15.57 7.43 -3.88
C THR A 112 -15.64 6.93 -5.33
N ALA A 113 -14.57 6.29 -5.80
CA ALA A 113 -14.57 5.72 -7.14
C ALA A 113 -15.57 4.59 -7.18
N SER A 114 -15.60 3.74 -6.16
CA SER A 114 -16.57 2.67 -6.18
C SER A 114 -18.04 3.21 -6.12
N ASP A 115 -18.27 4.30 -5.40
CA ASP A 115 -19.60 4.95 -5.39
C ASP A 115 -20.01 5.41 -6.78
N ALA A 116 -19.05 5.93 -7.54
CA ALA A 116 -19.34 6.39 -8.91
C ALA A 116 -19.69 5.20 -9.81
N LEU A 117 -18.94 4.11 -9.66
CA LEU A 117 -19.26 2.85 -10.35
C LEU A 117 -20.62 2.24 -9.98
N PHE A 118 -21.00 2.35 -8.71
CA PHE A 118 -22.33 1.93 -8.22
C PHE A 118 -23.45 2.80 -8.76
N GLU A 119 -23.16 4.06 -9.12
CA GLU A 119 -24.17 4.86 -9.80
C GLU A 119 -24.45 4.36 -11.21
N ILE A 120 -23.44 3.73 -11.82
CA ILE A 120 -23.54 3.18 -13.15
C ILE A 120 -24.17 1.78 -13.15
N THR A 121 -23.73 0.94 -12.22
CA THR A 121 -24.23 -0.44 -12.07
C THR A 121 -24.54 -0.61 -10.59
N PRO A 122 -25.83 -0.43 -10.22
CA PRO A 122 -26.22 -0.33 -8.80
C PRO A 122 -26.16 -1.65 -8.03
N PRO A 123 -26.15 -1.56 -6.69
CA PRO A 123 -25.95 -2.79 -5.89
C PRO A 123 -26.81 -4.01 -6.30
N ALA A 124 -28.13 -3.82 -6.50
CA ALA A 124 -28.98 -4.97 -6.83
C ALA A 124 -28.66 -5.63 -8.19
N GLN A 125 -28.20 -4.82 -9.13
CA GLN A 125 -27.78 -5.31 -10.46
C GLN A 125 -26.48 -6.13 -10.39
N VAL A 126 -25.53 -5.65 -9.59
CA VAL A 126 -24.33 -6.41 -9.28
C VAL A 126 -24.71 -7.77 -8.66
N GLU A 127 -25.60 -7.74 -7.68
CA GLU A 127 -25.96 -8.95 -6.95
C GLU A 127 -26.67 -9.91 -7.90
N GLN A 128 -27.54 -9.38 -8.76
CA GLN A 128 -28.24 -10.17 -9.78
C GLN A 128 -27.25 -10.83 -10.75
N MET A 129 -26.27 -10.07 -11.22
CA MET A 129 -25.27 -10.60 -12.17
C MET A 129 -24.47 -11.72 -11.51
N VAL A 130 -24.09 -11.51 -10.25
CA VAL A 130 -23.31 -12.51 -9.50
C VAL A 130 -24.11 -13.79 -9.27
N ARG A 131 -25.36 -13.63 -8.88
CA ARG A 131 -26.27 -14.75 -8.70
C ARG A 131 -26.51 -15.52 -10.00
N GLU A 132 -26.63 -14.80 -11.12
CA GLU A 132 -26.86 -15.46 -12.42
C GLU A 132 -25.67 -16.28 -12.90
N TRP A 133 -24.47 -15.86 -12.54
CA TRP A 133 -23.28 -16.64 -12.80
C TRP A 133 -23.17 -17.86 -11.89
N GLY A 134 -24.02 -17.93 -10.87
CA GLY A 134 -24.12 -19.12 -10.03
C GLY A 134 -23.44 -18.95 -8.68
N PHE A 135 -23.01 -17.72 -8.39
CA PHE A 135 -22.35 -17.45 -7.12
C PHE A 135 -23.37 -17.26 -6.03
N ARG A 136 -23.16 -17.97 -4.94
CA ARG A 136 -24.05 -17.87 -3.82
C ARG A 136 -23.30 -17.27 -2.62
N ASP A 137 -24.08 -16.70 -1.71
CA ASP A 137 -23.58 -16.24 -0.42
C ASP A 137 -22.78 -14.95 -0.45
N LEU A 138 -22.95 -14.20 -1.55
CA LEU A 138 -22.42 -12.86 -1.73
C LEU A 138 -23.59 -11.91 -1.90
N THR A 139 -23.77 -11.02 -0.94
CA THR A 139 -24.84 -10.05 -1.03
C THR A 139 -24.27 -8.69 -1.34
N VAL A 140 -24.96 -7.98 -2.22
CA VAL A 140 -24.57 -6.64 -2.61
C VAL A 140 -25.82 -5.77 -2.48
N ARG A 141 -25.80 -4.92 -1.47
CA ARG A 141 -26.98 -4.15 -1.06
C ARG A 141 -26.72 -2.65 -1.07
N HIS A 142 -25.52 -2.23 -0.68
CA HIS A 142 -25.25 -0.81 -0.56
C HIS A 142 -23.85 -0.42 -1.05
N SER A 143 -23.69 0.86 -1.36
CA SER A 143 -22.36 1.39 -1.67
C SER A 143 -21.61 1.75 -0.37
N MET A 144 -20.34 2.12 -0.53
CA MET A 144 -19.47 2.51 0.58
C MET A 144 -20.02 3.66 1.40
N ARG A 145 -20.48 4.70 0.73
CA ARG A 145 -20.96 5.88 1.44
C ARG A 145 -22.41 5.77 1.93
N GLU A 146 -23.00 4.58 1.85
CA GLU A 146 -24.36 4.32 2.35
C GLU A 146 -24.35 3.80 3.80
N HIS A 177 -27.66 -6.77 14.22
CA HIS A 177 -26.60 -6.13 15.02
C HIS A 177 -26.85 -4.63 15.23
N ARG A 178 -26.46 -4.14 16.41
CA ARG A 178 -26.72 -2.76 16.85
C ARG A 178 -25.93 -1.69 16.08
N VAL A 179 -24.79 -2.09 15.53
CA VAL A 179 -24.01 -1.25 14.62
C VAL A 179 -24.47 -1.55 13.18
N PRO A 180 -24.83 -0.49 12.41
CA PRO A 180 -25.32 -0.67 11.04
C PRO A 180 -24.36 -1.46 10.15
N GLN A 181 -23.10 -1.04 10.11
CA GLN A 181 -22.05 -1.66 9.27
C GLN A 181 -21.69 -3.10 9.68
N LEU A 182 -21.99 -3.46 10.93
CA LEU A 182 -21.74 -4.80 11.45
C LEU A 182 -23.00 -5.67 11.43
N ASP A 183 -24.10 -5.13 10.90
CA ASP A 183 -25.38 -5.82 10.79
C ASP A 183 -25.41 -6.69 9.53
N VAL A 184 -25.29 -8.01 9.69
CA VAL A 184 -25.38 -8.95 8.56
C VAL A 184 -26.74 -8.97 7.84
N ALA A 185 -27.74 -8.27 8.40
CA ALA A 185 -29.05 -8.13 7.75
C ALA A 185 -29.09 -6.95 6.77
N ARG A 186 -28.32 -5.90 7.07
CA ARG A 186 -28.29 -4.70 6.22
C ARG A 186 -27.04 -4.59 5.33
N ALA A 187 -25.88 -4.93 5.88
CA ALA A 187 -24.60 -4.77 5.22
C ALA A 187 -24.38 -5.72 4.02
N ASN A 188 -23.43 -5.40 3.16
CA ASN A 188 -22.93 -6.35 2.16
C ASN A 188 -22.28 -7.48 2.95
N THR A 189 -22.60 -8.72 2.61
CA THR A 189 -22.06 -9.88 3.35
C THR A 189 -21.50 -10.92 2.39
N GLY A 190 -20.81 -11.90 2.98
CA GLY A 190 -20.10 -12.93 2.21
C GLY A 190 -19.49 -13.89 3.21
N THR A 191 -19.00 -15.03 2.74
CA THR A 191 -18.30 -15.98 3.58
C THR A 191 -16.97 -16.23 2.87
N ALA A 192 -16.00 -16.81 3.57
CA ALA A 192 -14.74 -17.16 2.89
C ALA A 192 -14.99 -18.07 1.68
N ARG A 193 -15.87 -19.06 1.84
CA ARG A 193 -16.20 -19.95 0.71
C ARG A 193 -16.71 -19.17 -0.49
N ALA A 194 -17.62 -18.21 -0.27
CA ALA A 194 -18.17 -17.38 -1.35
C ALA A 194 -17.06 -16.74 -2.17
N PHE A 195 -16.08 -16.14 -1.48
CA PHE A 195 -14.98 -15.51 -2.18
C PHE A 195 -14.05 -16.50 -2.87
N VAL A 196 -13.81 -17.63 -2.22
CA VAL A 196 -12.92 -18.63 -2.81
C VAL A 196 -13.55 -19.11 -4.12
N ASP A 197 -14.88 -19.31 -4.10
CA ASP A 197 -15.58 -19.76 -5.31
C ASP A 197 -15.48 -18.71 -6.44
N LEU A 198 -15.59 -17.44 -6.06
CA LEU A 198 -15.44 -16.34 -7.03
C LEU A 198 -14.03 -16.30 -7.60
N LEU A 199 -13.02 -16.43 -6.74
CA LEU A 199 -11.63 -16.41 -7.17
C LEU A 199 -11.33 -17.57 -8.09
N GLU A 200 -11.81 -18.75 -7.71
CA GLU A 200 -11.66 -19.94 -8.56
C GLU A 200 -12.21 -19.67 -9.98
N ALA A 201 -13.40 -19.09 -10.07
CA ALA A 201 -13.98 -18.79 -11.40
C ALA A 201 -13.17 -17.73 -12.17
N LEU A 202 -12.60 -16.77 -11.45
CA LEU A 202 -11.83 -15.71 -12.11
C LEU A 202 -10.54 -16.28 -12.67
N TRP A 203 -9.96 -17.29 -12.00
CA TRP A 203 -8.67 -17.85 -12.47
C TRP A 203 -8.87 -19.05 -13.41
N ALA A 204 -10.07 -19.63 -13.39
CA ALA A 204 -10.35 -20.82 -14.20
C ALA A 204 -9.83 -20.73 -15.64
N PRO A 205 -10.01 -19.56 -16.33
CA PRO A 205 -9.52 -19.52 -17.73
C PRO A 205 -8.01 -19.70 -17.91
N VAL A 206 -7.21 -19.54 -16.86
CA VAL A 206 -5.77 -19.78 -17.04
C VAL A 206 -5.30 -21.08 -16.37
N LEU A 207 -6.23 -21.84 -15.79
CA LEU A 207 -5.89 -23.11 -15.16
C LEU A 207 -5.92 -24.19 -16.21
N THR A 208 -4.78 -24.83 -16.41
CA THR A 208 -4.60 -25.82 -17.44
C THR A 208 -5.08 -27.19 -16.97
N GLY A 209 -5.13 -28.15 -17.88
CA GLY A 209 -5.47 -29.52 -17.55
C GLY A 209 -6.97 -29.75 -17.51
N PRO A 210 -7.40 -31.03 -17.40
CA PRO A 210 -8.82 -31.38 -17.44
C PRO A 210 -9.63 -30.59 -16.39
N ALA A 218 -19.11 -20.39 -15.38
CA ALA A 218 -17.94 -20.04 -16.16
C ALA A 218 -18.03 -18.57 -16.54
N LEU A 219 -17.03 -17.79 -16.13
CA LEU A 219 -16.99 -16.36 -16.42
C LEU A 219 -16.47 -16.08 -17.83
N PRO A 220 -16.96 -15.00 -18.47
CA PRO A 220 -16.38 -14.54 -19.73
C PRO A 220 -14.89 -14.22 -19.51
N PRO A 221 -14.00 -14.75 -20.38
CA PRO A 221 -12.55 -14.61 -20.14
C PRO A 221 -12.00 -13.18 -20.11
N GLU A 222 -12.48 -12.30 -20.98
CA GLU A 222 -11.95 -10.93 -20.99
C GLU A 222 -12.21 -10.16 -19.67
N PRO A 223 -13.48 -10.12 -19.20
CA PRO A 223 -13.73 -9.54 -17.90
C PRO A 223 -12.91 -10.23 -16.80
N ALA A 224 -12.82 -11.56 -16.82
CA ALA A 224 -12.01 -12.27 -15.82
C ALA A 224 -10.55 -11.80 -15.89
N ALA A 225 -9.98 -11.75 -17.09
CA ALA A 225 -8.57 -11.31 -17.27
C ALA A 225 -8.34 -9.90 -16.73
N ARG A 226 -9.28 -9.00 -17.01
CA ARG A 226 -9.13 -7.63 -16.56
CA ARG A 226 -9.16 -7.61 -16.56
C ARG A 226 -9.16 -7.54 -15.04
N LEU A 227 -9.99 -8.37 -14.40
CA LEU A 227 -10.08 -8.36 -12.96
C LEU A 227 -8.83 -8.97 -12.31
N ARG A 228 -8.32 -10.09 -12.83
CA ARG A 228 -7.04 -10.62 -12.35
C ARG A 228 -5.95 -9.53 -12.39
N GLU A 229 -5.95 -8.71 -13.45
CA GLU A 229 -4.97 -7.63 -13.63
C GLU A 229 -5.16 -6.55 -12.57
N LEU A 230 -6.41 -6.21 -12.31
CA LEU A 230 -6.68 -5.19 -11.29
C LEU A 230 -6.21 -5.71 -9.92
N MET A 231 -6.48 -6.98 -9.66
CA MET A 231 -6.11 -7.57 -8.38
C MET A 231 -4.60 -7.64 -8.21
N ALA A 232 -3.91 -7.94 -9.32
CA ALA A 232 -2.43 -7.95 -9.32
C ALA A 232 -1.87 -6.57 -8.99
N ALA A 233 -2.58 -5.53 -9.42
CA ALA A 233 -2.17 -4.15 -9.21
C ALA A 233 -2.61 -3.58 -7.85
N ASN A 234 -3.19 -4.41 -6.98
CA ASN A 234 -3.59 -3.94 -5.63
C ASN A 234 -2.41 -3.27 -4.90
N LEU A 235 -2.66 -2.13 -4.28
CA LEU A 235 -1.62 -1.35 -3.63
C LEU A 235 -1.53 -1.62 -2.13
N LEU A 236 -2.57 -2.22 -1.56
CA LEU A 236 -2.65 -2.34 -0.10
C LEU A 236 -2.02 -3.70 0.25
N ARG A 237 -0.70 -3.70 0.40
CA ARG A 237 0.07 -4.94 0.44
C ARG A 237 0.67 -5.16 1.84
N HIS A 238 -0.04 -4.67 2.83
CA HIS A 238 0.45 -4.67 4.20
C HIS A 238 -0.15 -5.79 5.05
N ARG A 239 -1.04 -6.58 4.48
CA ARG A 239 -1.82 -7.52 5.29
C ARG A 239 -1.35 -8.95 5.02
N LEU A 240 -1.90 -9.60 4.01
CA LEU A 240 -1.43 -10.96 3.64
C LEU A 240 -0.22 -10.89 2.74
N ALA A 241 -0.08 -9.81 1.96
CA ALA A 241 0.98 -9.81 0.94
C ALA A 241 2.41 -10.14 1.46
N PRO A 242 2.82 -9.61 2.62
CA PRO A 242 4.18 -9.94 3.05
C PRO A 242 4.42 -11.44 3.26
N ASP A 243 3.36 -12.20 3.53
CA ASP A 243 3.44 -13.65 3.77
C ASP A 243 3.24 -14.50 2.52
N PHE A 244 2.74 -13.89 1.45
CA PHE A 244 2.47 -14.67 0.22
C PHE A 244 3.32 -14.29 -1.00
N ALA A 245 3.68 -13.03 -1.10
CA ALA A 245 4.49 -12.57 -2.22
C ALA A 245 5.97 -12.91 -1.97
N SER A 246 6.65 -13.42 -2.99
CA SER A 246 8.07 -13.70 -2.92
C SER A 246 8.63 -13.74 -4.33
N ASP A 247 9.93 -14.02 -4.44
CA ASP A 247 10.56 -14.11 -5.74
C ASP A 247 9.95 -15.29 -6.51
N ALA A 248 9.39 -16.25 -5.78
CA ALA A 248 8.84 -17.47 -6.41
C ALA A 248 7.31 -17.59 -6.27
N ALA A 249 6.67 -16.48 -5.93
CA ALA A 249 5.21 -16.46 -5.81
C ALA A 249 4.63 -15.05 -6.01
N THR A 250 3.60 -14.94 -6.85
CA THR A 250 2.88 -13.69 -7.07
C THR A 250 1.59 -13.69 -6.23
N TRP A 251 1.22 -12.54 -5.69
CA TRP A 251 0.01 -12.41 -4.88
C TRP A 251 -0.87 -11.32 -5.45
N SER A 252 -2.12 -11.68 -5.74
CA SER A 252 -3.12 -10.75 -6.31
C SER A 252 -4.30 -10.78 -5.36
N SER A 253 -4.72 -9.62 -4.83
CA SER A 253 -5.74 -9.61 -3.79
C SER A 253 -6.52 -8.32 -3.64
N LYS A 254 -7.50 -8.36 -2.75
CA LYS A 254 -8.33 -7.25 -2.36
C LYS A 254 -8.51 -7.34 -0.85
N THR A 255 -8.23 -6.23 -0.16
CA THR A 255 -8.40 -6.13 1.28
C THR A 255 -9.75 -5.45 1.57
N GLY A 256 -10.22 -5.60 2.80
CA GLY A 256 -11.41 -4.89 3.32
C GLY A 256 -11.16 -4.53 4.76
N THR A 257 -11.40 -3.27 5.11
CA THR A 257 -11.16 -2.79 6.46
C THR A 257 -12.26 -1.81 6.86
N LEU A 258 -12.95 -2.12 7.93
CA LEU A 258 -14.01 -1.27 8.42
C LEU A 258 -14.24 -1.59 9.87
N LEU A 259 -14.18 -0.57 10.71
CA LEU A 259 -14.41 -0.74 12.15
C LEU A 259 -13.49 -1.86 12.62
N ASN A 260 -14.04 -2.93 13.20
CA ASN A 260 -13.22 -4.06 13.70
C ASN A 260 -13.08 -5.21 12.73
N LEU A 261 -13.49 -5.00 11.47
CA LEU A 261 -13.37 -6.02 10.41
C LEU A 261 -12.09 -5.84 9.61
N ARG A 262 -11.42 -6.96 9.30
CA ARG A 262 -10.16 -6.94 8.57
C ARG A 262 -10.15 -8.19 7.72
N HIS A 263 -10.24 -7.99 6.41
CA HIS A 263 -10.38 -9.10 5.45
C HIS A 263 -9.32 -8.97 4.37
N GLU A 264 -9.05 -10.08 3.69
CA GLU A 264 -8.30 -10.05 2.45
C GLU A 264 -8.63 -11.33 1.71
N VAL A 265 -8.88 -11.21 0.41
CA VAL A 265 -9.08 -12.41 -0.42
C VAL A 265 -8.17 -12.32 -1.63
N GLY A 266 -7.63 -13.44 -2.08
CA GLY A 266 -6.68 -13.32 -3.16
C GLY A 266 -6.21 -14.66 -3.63
N VAL A 267 -5.34 -14.61 -4.62
CA VAL A 267 -4.80 -15.80 -5.23
C VAL A 267 -3.26 -15.71 -5.23
N VAL A 268 -2.61 -16.79 -4.80
CA VAL A 268 -1.16 -16.89 -4.87
C VAL A 268 -0.82 -17.85 -6.01
N GLU A 269 0.08 -17.40 -6.85
CA GLU A 269 0.56 -18.18 -8.01
C GLU A 269 2.04 -18.50 -7.83
N HIS A 270 2.36 -19.79 -7.64
CA HIS A 270 3.73 -20.19 -7.39
C HIS A 270 4.50 -20.34 -8.68
N ALA A 271 5.81 -20.17 -8.58
CA ALA A 271 6.68 -20.27 -9.73
C ALA A 271 6.64 -21.69 -10.31
N ASP A 272 6.29 -22.69 -9.49
CA ASP A 272 6.23 -24.08 -9.97
C ASP A 272 4.89 -24.49 -10.58
N GLY A 273 3.94 -23.55 -10.61
CA GLY A 273 2.64 -23.76 -11.24
C GLY A 273 1.48 -23.94 -10.29
N GLN A 274 1.75 -24.12 -9.00
CA GLN A 274 0.65 -24.26 -8.05
C GLN A 274 -0.08 -22.94 -7.91
N VAL A 275 -1.40 -23.02 -7.69
CA VAL A 275 -2.23 -21.83 -7.54
C VAL A 275 -3.19 -22.10 -6.39
N PHE A 276 -3.26 -21.20 -5.42
CA PHE A 276 -4.22 -21.31 -4.31
C PHE A 276 -5.10 -20.06 -4.19
N ALA A 277 -6.39 -20.28 -3.97
CA ALA A 277 -7.26 -19.17 -3.59
C ALA A 277 -7.32 -19.10 -2.08
N VAL A 278 -7.30 -17.87 -1.56
CA VAL A 278 -7.20 -17.57 -0.13
C VAL A 278 -8.26 -16.54 0.25
N ALA A 279 -9.10 -16.87 1.25
CA ALA A 279 -10.06 -15.89 1.75
C ALA A 279 -9.96 -15.84 3.26
N VAL A 280 -9.81 -14.61 3.76
CA VAL A 280 -9.75 -14.35 5.18
C VAL A 280 -10.73 -13.21 5.50
N LEU A 281 -11.66 -13.48 6.39
CA LEU A 281 -12.60 -12.47 6.88
C LEU A 281 -12.52 -12.53 8.38
N THR A 282 -12.20 -11.42 9.02
CA THR A 282 -12.04 -11.48 10.46
C THR A 282 -12.76 -10.32 11.13
N GLU A 283 -13.13 -10.56 12.39
CA GLU A 283 -13.53 -9.46 13.24
C GLU A 283 -12.81 -9.56 14.57
N SER A 284 -12.40 -8.42 15.09
CA SER A 284 -11.56 -8.41 16.28
C SER A 284 -12.37 -8.04 17.50
N GLN A 285 -12.03 -8.65 18.63
CA GLN A 285 -12.62 -8.33 19.93
C GLN A 285 -11.87 -7.18 20.61
N VAL A 286 -10.74 -6.80 20.01
CA VAL A 286 -9.89 -5.74 20.52
C VAL A 286 -10.32 -4.45 19.80
N PRO A 287 -10.69 -3.41 20.57
CA PRO A 287 -11.27 -2.24 19.90
C PRO A 287 -10.31 -1.29 19.12
N ALA A 288 -9.00 -1.56 19.11
CA ALA A 288 -8.01 -0.69 18.45
C ALA A 288 -8.04 -0.78 16.92
N ASP A 289 -8.14 0.35 16.21
CA ASP A 289 -8.14 0.30 14.73
C ASP A 289 -6.81 -0.19 14.19
N SER A 290 -5.73 0.24 14.83
CA SER A 290 -4.39 -0.14 14.38
C SER A 290 -3.87 -1.43 15.06
N GLN A 291 -3.94 -2.57 14.36
CA GLN A 291 -3.43 -3.83 14.94
C GLN A 291 -2.59 -4.59 13.95
N PRO A 292 -1.33 -4.14 13.76
CA PRO A 292 -0.51 -4.87 12.78
C PRO A 292 -0.16 -6.29 13.25
N GLY A 293 -0.20 -6.53 14.56
CA GLY A 293 -0.12 -7.87 15.15
C GLY A 293 -1.27 -8.76 14.71
N ALA A 294 -2.49 -8.22 14.73
CA ALA A 294 -3.65 -8.95 14.19
C ALA A 294 -3.46 -9.27 12.72
N GLU A 295 -2.95 -8.30 11.98
CA GLU A 295 -2.71 -8.49 10.54
C GLU A 295 -1.66 -9.58 10.26
N ALA A 296 -0.57 -9.58 11.01
CA ALA A 296 0.44 -10.64 10.92
C ALA A 296 -0.14 -12.01 11.27
N LEU A 297 -0.99 -12.02 12.31
CA LEU A 297 -1.62 -13.24 12.81
C LEU A 297 -2.51 -13.84 11.72
N MET A 298 -3.41 -13.04 11.16
CA MET A 298 -4.32 -13.58 10.16
C MET A 298 -3.54 -14.02 8.90
N ALA A 299 -2.46 -13.33 8.59
CA ALA A 299 -1.63 -13.68 7.44
C ALA A 299 -0.94 -15.01 7.69
N GLN A 300 -0.42 -15.17 8.91
CA GLN A 300 0.25 -16.42 9.29
C GLN A 300 -0.72 -17.61 9.22
N VAL A 301 -1.94 -17.42 9.75
CA VAL A 301 -2.99 -18.46 9.63
C VAL A 301 -3.24 -18.84 8.17
N ALA A 302 -3.45 -17.85 7.30
CA ALA A 302 -3.70 -18.20 5.90
C ALA A 302 -2.51 -18.88 5.25
N ARG A 303 -1.31 -18.40 5.56
CA ARG A 303 -0.10 -18.98 4.98
C ARG A 303 0.07 -20.43 5.43
N ARG A 304 -0.20 -20.72 6.70
CA ARG A 304 -0.02 -22.09 7.21
C ARG A 304 -1.04 -23.06 6.64
N LEU A 305 -2.27 -22.59 6.43
CA LEU A 305 -3.27 -23.36 5.68
C LEU A 305 -2.78 -23.70 4.24
N ARG A 306 -2.33 -22.69 3.49
CA ARG A 306 -1.74 -22.91 2.16
C ARG A 306 -0.56 -23.90 2.20
N ASP A 307 0.35 -23.70 3.15
CA ASP A 307 1.54 -24.54 3.24
C ASP A 307 1.17 -25.99 3.43
N ARG A 308 0.17 -26.26 4.28
CA ARG A 308 -0.25 -27.64 4.52
C ARG A 308 -0.80 -28.24 3.21
N LEU A 309 -1.65 -27.48 2.51
CA LEU A 309 -2.13 -27.97 1.20
C LEU A 309 -1.00 -28.15 0.20
N ARG A 310 -0.07 -27.20 0.17
CA ARG A 310 1.07 -27.28 -0.76
C ARG A 310 1.94 -28.52 -0.49
N GLU A 311 2.17 -28.80 0.80
CA GLU A 311 2.92 -30.00 1.23
CA GLU A 311 2.95 -29.98 1.17
C GLU A 311 2.23 -31.27 0.78
N TRP A 312 0.89 -31.31 0.93
CA TRP A 312 0.10 -32.52 0.60
C TRP A 312 0.10 -32.75 -0.91
N HIS A 313 0.04 -31.65 -1.65
CA HIS A 313 0.08 -31.67 -3.10
C HIS A 313 1.40 -32.27 -3.54
N HIS A 314 2.50 -31.72 -3.01
CA HIS A 314 3.86 -32.14 -3.38
C HIS A 314 4.18 -33.56 -2.98
N HIS A 315 3.77 -33.94 -1.78
CA HIS A 315 4.36 -35.12 -1.11
C HIS A 315 3.40 -36.29 -0.84
N HIS A 316 2.11 -36.08 -1.07
CA HIS A 316 1.12 -37.15 -0.96
C HIS A 316 0.50 -37.48 -2.33
N VAL B 1 21.45 -7.66 28.01
CA VAL B 1 21.24 -6.46 27.15
C VAL B 1 22.58 -6.05 26.51
N LEU B 2 22.55 -5.84 25.20
CA LEU B 2 23.71 -5.38 24.43
C LEU B 2 24.04 -3.91 24.71
N ASN B 3 25.34 -3.58 24.76
CA ASN B 3 25.75 -2.17 24.66
C ASN B 3 25.53 -1.67 23.21
N SER B 4 25.56 -0.35 23.02
CA SER B 4 25.21 0.27 21.73
C SER B 4 26.22 -0.01 20.61
N GLU B 5 27.49 -0.15 20.96
CA GLU B 5 28.52 -0.56 20.03
C GLU B 5 28.26 -1.99 19.54
N SER B 6 27.95 -2.89 20.49
CA SER B 6 27.64 -4.28 20.21
C SER B 6 26.36 -4.43 19.40
N LEU B 7 25.38 -3.59 19.71
CA LEU B 7 24.10 -3.60 18.99
C LEU B 7 24.31 -3.23 17.54
N LEU B 8 25.06 -2.15 17.29
CA LEU B 8 25.31 -1.70 15.92
C LEU B 8 26.02 -2.80 15.15
N ARG B 9 26.93 -3.51 15.81
CA ARG B 9 27.64 -4.61 15.16
C ARG B 9 26.71 -5.77 14.78
N GLU B 10 25.82 -6.12 15.70
CA GLU B 10 24.78 -7.12 15.43
C GLU B 10 23.90 -6.72 14.24
N LEU B 11 23.50 -5.44 14.21
CA LEU B 11 22.62 -4.94 13.14
C LEU B 11 23.31 -4.97 11.78
N ARG B 12 24.56 -4.52 11.73
CA ARG B 12 25.36 -4.57 10.52
C ARG B 12 25.57 -6.00 10.06
N ASP B 13 25.79 -6.91 11.00
CA ASP B 13 25.95 -8.33 10.68
C ASP B 13 24.66 -8.87 10.06
N ALA B 14 23.53 -8.52 10.66
CA ALA B 14 22.22 -8.93 10.17
C ALA B 14 21.93 -8.42 8.75
N LEU B 15 22.29 -7.16 8.50
CA LEU B 15 22.14 -6.57 7.17
C LEU B 15 23.00 -7.28 6.13
N HIS B 16 24.24 -7.56 6.49
CA HIS B 16 25.17 -8.22 5.58
C HIS B 16 24.60 -9.59 5.23
N GLU B 17 24.16 -10.32 6.26
CA GLU B 17 23.57 -11.66 6.14
C GLU B 17 22.39 -11.69 5.15
N GLY B 18 21.59 -10.64 5.18
CA GLY B 18 20.38 -10.55 4.35
C GLY B 18 20.58 -9.91 3.00
N GLY B 19 21.85 -9.65 2.65
CA GLY B 19 22.24 -9.07 1.37
C GLY B 19 21.98 -7.58 1.22
N LEU B 20 21.87 -6.84 2.32
CA LEU B 20 21.55 -5.41 2.26
C LEU B 20 22.73 -4.54 2.68
N THR B 21 22.93 -3.45 1.92
CA THR B 21 23.77 -2.33 2.36
C THR B 21 22.90 -1.06 2.38
N GLY B 22 23.39 0.01 2.99
CA GLY B 22 22.62 1.26 2.92
C GLY B 22 22.93 2.25 4.02
N SER B 23 21.89 2.95 4.44
CA SER B 23 22.03 4.16 5.22
C SER B 23 20.81 4.19 6.15
N PHE B 24 21.05 4.18 7.47
CA PHE B 24 19.99 4.13 8.48
C PHE B 24 20.26 5.23 9.48
N LEU B 25 19.21 5.91 9.93
CA LEU B 25 19.40 6.86 11.00
C LEU B 25 18.08 7.06 11.71
N VAL B 26 18.11 6.99 13.04
CA VAL B 26 16.91 7.27 13.84
C VAL B 26 17.28 8.37 14.81
N ARG B 27 16.41 9.36 14.93
CA ARG B 27 16.65 10.51 15.83
C ARG B 27 15.42 10.83 16.67
N ASP B 28 15.64 11.02 17.98
CA ASP B 28 14.62 11.52 18.89
C ASP B 28 14.49 13.00 18.54
N LEU B 29 13.35 13.40 17.99
CA LEU B 29 13.19 14.79 17.53
C LEU B 29 13.14 15.81 18.66
N TYR B 30 12.93 15.37 19.90
CA TYR B 30 13.01 16.28 21.05
C TYR B 30 14.42 16.53 21.57
N THR B 31 15.15 15.44 21.83
CA THR B 31 16.47 15.55 22.43
C THR B 31 17.57 15.68 21.37
N GLY B 32 17.31 15.28 20.14
CA GLY B 32 18.34 15.29 19.09
C GLY B 32 19.25 14.07 19.12
N GLU B 33 19.06 13.21 20.12
CA GLU B 33 19.85 12.00 20.24
C GLU B 33 19.59 11.09 19.04
N GLU B 34 20.63 10.43 18.53
CA GLU B 34 20.43 9.61 17.35
C GLU B 34 21.34 8.40 17.33
N LEU B 35 20.95 7.42 16.51
CA LEU B 35 21.66 6.18 16.34
C LEU B 35 21.52 5.79 14.89
N GLY B 36 22.66 5.54 14.23
CA GLY B 36 22.64 5.22 12.82
C GLY B 36 23.68 4.26 12.33
N ILE B 37 23.48 3.82 11.09
CA ILE B 37 24.43 2.96 10.38
C ILE B 37 24.69 3.65 9.03
N ASP B 38 25.95 4.06 8.80
CA ASP B 38 26.33 4.76 7.56
C ASP B 38 25.33 5.88 7.17
N PRO B 39 24.99 6.78 8.11
CA PRO B 39 23.87 7.73 7.82
C PRO B 39 24.16 8.81 6.78
N ASP B 40 25.42 8.90 6.34
CA ASP B 40 25.86 9.97 5.42
C ASP B 40 26.27 9.43 4.06
N THR B 41 25.87 8.19 3.76
CA THR B 41 26.15 7.57 2.47
C THR B 41 25.07 7.99 1.47
N GLU B 42 25.50 8.46 0.30
CA GLU B 42 24.58 8.99 -0.68
C GLU B 42 24.07 7.84 -1.56
N LEU B 43 22.75 7.71 -1.67
CA LEU B 43 22.10 6.74 -2.58
C LEU B 43 21.08 7.44 -3.44
N PRO B 44 20.75 6.84 -4.61
CA PRO B 44 19.64 7.32 -5.41
C PRO B 44 18.37 7.13 -4.58
N THR B 45 17.48 8.12 -4.64
CA THR B 45 16.34 8.24 -3.72
C THR B 45 15.03 7.67 -4.27
N ALA B 46 15.00 7.37 -5.57
CA ALA B 46 13.76 6.90 -6.18
C ALA B 46 12.58 7.79 -5.75
N SER B 47 11.50 7.17 -5.29
CA SER B 47 10.29 7.90 -4.98
C SER B 47 10.40 8.81 -3.78
N LEU B 48 11.48 8.73 -2.99
CA LEU B 48 11.63 9.71 -1.86
C LEU B 48 11.74 11.13 -2.33
N VAL B 49 12.13 11.32 -3.59
CA VAL B 49 12.22 12.67 -4.18
C VAL B 49 10.85 13.42 -4.18
N LYS B 50 9.77 12.65 -4.10
CA LYS B 50 8.42 13.17 -4.03
C LYS B 50 8.19 14.00 -2.77
N LEU B 51 8.99 13.77 -1.73
CA LEU B 51 8.89 14.61 -0.54
C LEU B 51 9.35 16.04 -0.78
N PRO B 52 10.60 16.25 -1.22
CA PRO B 52 10.96 17.66 -1.47
C PRO B 52 10.12 18.34 -2.57
N LEU B 53 9.66 17.57 -3.55
CA LEU B 53 8.76 18.08 -4.60
C LEU B 53 7.47 18.60 -3.96
N ALA B 54 6.91 17.83 -3.05
CA ALA B 54 5.68 18.25 -2.35
C ALA B 54 5.91 19.51 -1.55
N LEU B 55 6.99 19.56 -0.78
CA LEU B 55 7.27 20.74 0.06
C LEU B 55 7.44 22.00 -0.81
N ALA B 56 8.21 21.89 -1.90
CA ALA B 56 8.40 23.01 -2.81
C ALA B 56 7.07 23.47 -3.39
N THR B 57 6.26 22.51 -3.83
CA THR B 57 4.96 22.81 -4.42
C THR B 57 4.07 23.53 -3.38
N LEU B 58 4.06 23.01 -2.16
CA LEU B 58 3.21 23.58 -1.09
C LEU B 58 3.63 24.99 -0.73
N GLU B 59 4.92 25.26 -0.79
CA GLU B 59 5.42 26.59 -0.46
C GLU B 59 5.00 27.56 -1.57
N ARG B 60 5.07 27.08 -2.83
CA ARG B 60 4.68 27.92 -3.96
C ARG B 60 3.20 28.22 -3.89
N ILE B 61 2.42 27.26 -3.38
CA ILE B 61 0.99 27.50 -3.13
C ILE B 61 0.80 28.58 -2.06
N ARG B 62 1.47 28.43 -0.92
CA ARG B 62 1.42 29.47 0.14
C ARG B 62 1.74 30.85 -0.45
N LEU B 63 2.77 30.89 -1.31
CA LEU B 63 3.27 32.13 -1.89
C LEU B 63 2.32 32.74 -2.91
N GLY B 64 1.32 31.97 -3.33
CA GLY B 64 0.37 32.44 -4.36
C GLY B 64 0.93 32.28 -5.79
N GLU B 65 2.05 31.58 -5.92
CA GLU B 65 2.66 31.37 -7.21
C GLU B 65 2.01 30.19 -7.93
N VAL B 66 1.40 29.29 -7.16
CA VAL B 66 0.71 28.12 -7.73
C VAL B 66 -0.68 28.05 -7.10
N ASP B 67 -1.66 27.65 -7.89
CA ASP B 67 -3.05 27.58 -7.40
C ASP B 67 -3.38 26.12 -7.19
N GLY B 68 -3.66 25.77 -5.94
CA GLY B 68 -3.95 24.38 -5.57
C GLY B 68 -5.24 23.88 -6.23
N ALA B 69 -6.15 24.80 -6.54
CA ALA B 69 -7.43 24.46 -7.19
C ALA B 69 -7.33 24.32 -8.70
N GLN B 70 -6.20 24.69 -9.26
CA GLN B 70 -6.01 24.64 -10.72
C GLN B 70 -6.16 23.21 -11.26
N GLN B 71 -7.11 23.03 -12.18
CA GLN B 71 -7.35 21.73 -12.80
C GLN B 71 -6.35 21.51 -13.92
N ILE B 72 -5.69 20.36 -13.87
CA ILE B 72 -4.67 19.98 -14.82
C ILE B 72 -5.18 18.78 -15.62
N GLU B 73 -5.11 18.88 -16.95
CA GLU B 73 -5.43 17.75 -17.82
C GLU B 73 -4.20 16.85 -17.95
N VAL B 74 -4.28 15.62 -17.42
CA VAL B 74 -3.11 14.75 -17.31
C VAL B 74 -3.22 13.56 -18.24
N ALA B 75 -2.21 13.37 -19.09
CA ALA B 75 -2.19 12.25 -20.04
C ALA B 75 -1.91 10.94 -19.27
N PRO B 76 -2.58 9.84 -19.66
CA PRO B 76 -2.44 8.62 -18.86
C PRO B 76 -1.05 7.98 -18.96
N GLY B 77 -0.58 7.33 -17.91
CA GLY B 77 0.69 6.63 -17.98
C GLY B 77 0.63 5.39 -18.85
N ARG B 78 -0.54 4.74 -18.86
CA ARG B 78 -0.76 3.48 -19.57
C ARG B 78 0.24 2.35 -19.23
N ILE B 79 0.81 2.43 -18.04
CA ILE B 79 1.79 1.44 -17.61
C ILE B 79 1.10 0.15 -17.17
N THR B 80 1.58 -0.99 -17.66
CA THR B 80 0.99 -2.28 -17.35
C THR B 80 1.94 -3.22 -16.61
N THR B 81 3.19 -2.80 -16.47
CA THR B 81 4.21 -3.56 -15.75
C THR B 81 4.13 -3.24 -14.27
N PRO B 82 4.61 -4.14 -13.41
CA PRO B 82 4.50 -3.93 -11.97
C PRO B 82 5.23 -2.71 -11.40
N GLY B 83 4.58 -2.03 -10.47
CA GLY B 83 5.24 -1.04 -9.64
C GLY B 83 4.54 0.31 -9.64
N PRO B 84 4.56 1.05 -10.77
CA PRO B 84 3.94 2.40 -10.80
C PRO B 84 2.45 2.43 -10.40
N THR B 85 2.00 3.55 -9.87
CA THR B 85 0.64 3.66 -9.33
C THR B 85 -0.14 4.87 -9.81
N GLY B 86 -1.44 4.89 -9.52
CA GLY B 86 -2.28 6.08 -9.77
C GLY B 86 -2.39 6.34 -11.25
N LEU B 87 -2.24 7.61 -11.63
CA LEU B 87 -2.33 8.04 -13.03
C LEU B 87 -1.34 7.30 -13.94
N SER B 88 -0.27 6.77 -13.34
CA SER B 88 0.75 6.03 -14.10
C SER B 88 0.12 4.81 -14.78
N ARG B 89 -0.92 4.26 -14.17
CA ARG B 89 -1.63 3.08 -14.70
C ARG B 89 -2.94 3.41 -15.44
N PHE B 90 -3.32 4.69 -15.47
CA PHE B 90 -4.54 5.07 -16.17
C PHE B 90 -4.48 4.72 -17.65
N ARG B 91 -5.65 4.47 -18.24
CA ARG B 91 -5.76 4.17 -19.66
C ARG B 91 -6.16 5.40 -20.46
N HIS B 92 -6.80 6.36 -19.78
CA HIS B 92 -7.43 7.54 -20.43
C HIS B 92 -7.01 8.81 -19.70
N PRO B 93 -7.08 9.99 -20.39
CA PRO B 93 -6.81 11.28 -19.76
C PRO B 93 -7.72 11.51 -18.55
N ALA B 94 -7.17 12.16 -17.53
CA ALA B 94 -7.91 12.52 -16.35
C ALA B 94 -7.70 14.02 -16.11
N ARG B 95 -8.64 14.67 -15.43
CA ARG B 95 -8.46 16.06 -15.04
C ARG B 95 -8.43 16.13 -13.52
N VAL B 96 -7.33 16.66 -12.96
CA VAL B 96 -7.12 16.59 -11.51
C VAL B 96 -6.52 17.91 -11.09
N ALA B 97 -6.98 18.41 -9.95
CA ALA B 97 -6.43 19.63 -9.36
C ALA B 97 -5.04 19.44 -8.76
N VAL B 98 -4.26 20.52 -8.77
CA VAL B 98 -2.90 20.50 -8.23
C VAL B 98 -2.89 19.94 -6.80
N ASP B 99 -3.80 20.40 -5.93
CA ASP B 99 -3.87 19.90 -4.54
C ASP B 99 -4.01 18.38 -4.49
N ASP B 100 -4.80 17.86 -5.42
CA ASP B 100 -5.05 16.43 -5.48
C ASP B 100 -3.95 15.67 -6.21
N LEU B 101 -3.26 16.33 -7.15
CA LEU B 101 -2.02 15.77 -7.69
C LEU B 101 -0.97 15.60 -6.58
N LEU B 102 -0.89 16.56 -5.65
CA LEU B 102 -0.02 16.41 -4.48
C LEU B 102 -0.34 15.16 -3.64
N TYR B 103 -1.64 14.92 -3.39
CA TYR B 103 -2.08 13.68 -2.75
C TYR B 103 -1.65 12.45 -3.54
N LEU B 104 -1.91 12.41 -4.84
CA LEU B 104 -1.55 11.25 -5.62
C LEU B 104 -0.03 10.98 -5.59
N SER B 105 0.75 12.04 -5.84
CA SER B 105 2.22 11.96 -5.87
C SER B 105 2.79 11.54 -4.52
N THR B 106 2.36 12.21 -3.44
CA THR B 106 3.03 12.03 -2.15
C THR B 106 2.50 10.83 -1.37
N SER B 107 1.19 10.62 -1.42
CA SER B 107 0.53 9.56 -0.63
C SER B 107 0.30 8.24 -1.38
N VAL B 108 0.14 8.33 -2.69
CA VAL B 108 -0.10 7.12 -3.50
C VAL B 108 1.17 6.74 -4.30
N SER B 109 2.19 7.60 -4.22
CA SER B 109 3.47 7.42 -4.93
C SER B 109 3.32 7.38 -6.45
N ASP B 110 2.41 8.20 -6.96
CA ASP B 110 2.04 8.23 -8.37
C ASP B 110 3.02 9.06 -9.18
N GLY B 111 3.84 8.40 -9.99
CA GLY B 111 4.90 9.09 -10.71
C GLY B 111 4.39 9.99 -11.82
N THR B 112 3.22 9.63 -12.40
CA THR B 112 2.60 10.48 -13.46
C THR B 112 2.09 11.78 -12.82
N ALA B 113 1.54 11.63 -11.63
CA ALA B 113 1.13 12.80 -10.84
C ALA B 113 2.36 13.66 -10.49
N SER B 114 3.45 13.00 -10.07
N SER B 114 3.46 13.02 -10.07
CA SER B 114 4.69 13.70 -9.73
CA SER B 114 4.65 13.79 -9.71
C SER B 114 5.22 14.46 -10.94
C SER B 114 5.23 14.49 -10.95
N ASP B 115 5.18 13.83 -12.11
CA ASP B 115 5.68 14.48 -13.32
C ASP B 115 4.85 15.71 -13.71
N ALA B 116 3.55 15.68 -13.43
CA ALA B 116 2.68 16.82 -13.66
C ALA B 116 3.11 17.96 -12.73
N LEU B 117 3.48 17.61 -11.50
CA LEU B 117 3.94 18.62 -10.53
C LEU B 117 5.31 19.17 -10.91
N PHE B 118 6.16 18.33 -11.51
CA PHE B 118 7.50 18.77 -11.91
C PHE B 118 7.40 19.71 -13.12
N GLU B 119 6.35 19.55 -13.94
CA GLU B 119 6.12 20.51 -15.04
C GLU B 119 5.85 21.93 -14.51
N ILE B 120 5.21 21.99 -13.34
CA ILE B 120 4.86 23.25 -12.69
C ILE B 120 6.08 23.81 -11.95
N THR B 121 6.73 22.98 -11.16
CA THR B 121 7.97 23.32 -10.47
C THR B 121 9.08 22.34 -10.86
N PRO B 122 9.94 22.71 -11.83
CA PRO B 122 11.00 21.79 -12.32
C PRO B 122 12.01 21.33 -11.25
N PRO B 123 12.64 20.15 -11.45
CA PRO B 123 13.66 19.62 -10.51
C PRO B 123 14.66 20.66 -10.00
N ALA B 124 15.21 21.49 -10.89
CA ALA B 124 16.22 22.46 -10.49
C ALA B 124 15.61 23.54 -9.58
N GLN B 125 14.32 23.85 -9.77
CA GLN B 125 13.67 24.85 -8.93
C GLN B 125 13.36 24.25 -7.56
N VAL B 126 12.94 22.98 -7.53
CA VAL B 126 12.72 22.28 -6.26
C VAL B 126 14.04 22.25 -5.45
N GLU B 127 15.13 21.90 -6.13
CA GLU B 127 16.42 21.77 -5.48
C GLU B 127 16.85 23.12 -4.92
N GLN B 128 16.66 24.19 -5.71
CA GLN B 128 17.00 25.52 -5.26
C GLN B 128 16.26 25.85 -3.96
N MET B 129 14.97 25.55 -3.89
CA MET B 129 14.18 25.88 -2.69
C MET B 129 14.67 25.07 -1.50
N VAL B 130 14.93 23.77 -1.73
CA VAL B 130 15.53 22.88 -0.73
C VAL B 130 16.87 23.42 -0.20
N ARG B 131 17.73 23.86 -1.12
CA ARG B 131 19.00 24.42 -0.70
CA ARG B 131 19.02 24.46 -0.76
C ARG B 131 18.81 25.73 0.04
N GLU B 132 17.85 26.55 -0.38
CA GLU B 132 17.61 27.85 0.29
C GLU B 132 17.14 27.69 1.71
N TRP B 133 16.46 26.60 1.98
CA TRP B 133 15.97 26.28 3.31
C TRP B 133 17.07 25.71 4.17
N GLY B 134 18.23 25.47 3.56
CA GLY B 134 19.38 25.04 4.30
C GLY B 134 19.49 23.53 4.32
N PHE B 135 18.70 22.85 3.48
CA PHE B 135 18.84 21.41 3.40
C PHE B 135 19.97 20.99 2.49
N ARG B 136 20.87 20.21 3.07
CA ARG B 136 22.04 19.72 2.38
C ARG B 136 21.81 18.25 2.04
N ASP B 137 22.47 17.82 0.97
CA ASP B 137 22.58 16.42 0.61
C ASP B 137 21.30 15.78 0.06
N LEU B 138 20.37 16.63 -0.35
CA LEU B 138 19.23 16.20 -1.14
C LEU B 138 19.35 16.79 -2.52
N THR B 139 19.51 15.96 -3.53
CA THR B 139 19.56 16.50 -4.88
C THR B 139 18.25 16.24 -5.60
N VAL B 140 17.84 17.20 -6.43
CA VAL B 140 16.63 17.04 -7.23
C VAL B 140 16.99 17.41 -8.66
N ARG B 141 17.11 16.40 -9.52
CA ARG B 141 17.82 16.56 -10.78
C ARG B 141 16.94 16.20 -11.97
N HIS B 142 15.98 15.32 -11.74
CA HIS B 142 15.18 14.78 -12.84
C HIS B 142 13.82 14.34 -12.32
N SER B 143 12.85 14.31 -13.22
CA SER B 143 11.54 13.80 -12.92
C SER B 143 11.52 12.27 -12.94
N MET B 144 10.36 11.68 -12.59
CA MET B 144 10.28 10.27 -12.25
C MET B 144 10.68 9.33 -13.37
N ARG B 145 10.38 9.70 -14.61
CA ARG B 145 10.74 8.79 -15.68
C ARG B 145 11.80 9.25 -16.68
N GLU B 146 12.61 10.22 -16.30
CA GLU B 146 13.87 10.43 -16.99
C GLU B 146 14.84 9.37 -16.45
N LEU B 147 15.84 9.01 -17.23
CA LEU B 147 16.84 7.98 -16.82
C LEU B 147 16.29 6.54 -16.93
N GLY B 171 26.90 -4.84 -8.80
CA GLY B 171 27.33 -3.45 -8.99
C GLY B 171 26.41 -2.47 -8.27
N THR B 172 26.66 -2.29 -6.97
CA THR B 172 25.87 -1.35 -6.14
C THR B 172 25.96 0.07 -6.74
N SER B 173 25.01 0.94 -6.40
CA SER B 173 25.02 2.32 -6.89
C SER B 173 26.37 2.99 -6.60
N GLY B 174 26.69 3.99 -7.39
CA GLY B 174 28.00 4.62 -7.32
C GLY B 174 28.16 5.71 -8.36
N ARG B 175 29.25 6.48 -8.22
CA ARG B 175 29.46 7.65 -9.07
C ARG B 175 29.97 7.18 -10.42
N GLY B 176 29.17 7.40 -11.46
CA GLY B 176 29.49 6.98 -12.82
C GLY B 176 28.85 5.65 -13.18
N HIS B 177 27.87 5.21 -12.39
CA HIS B 177 27.23 3.92 -12.67
C HIS B 177 26.71 3.84 -14.12
N ARG B 178 26.92 2.68 -14.75
CA ARG B 178 26.40 2.40 -16.09
C ARG B 178 24.88 2.57 -16.17
N VAL B 179 24.18 2.16 -15.12
CA VAL B 179 22.72 2.31 -15.03
C VAL B 179 22.42 3.70 -14.48
N PRO B 180 21.85 4.58 -15.31
CA PRO B 180 21.66 5.96 -14.90
C PRO B 180 20.92 6.12 -13.57
N GLN B 181 19.91 5.28 -13.31
CA GLN B 181 19.14 5.36 -12.06
C GLN B 181 19.95 4.95 -10.84
N LEU B 182 21.12 4.32 -11.06
CA LEU B 182 22.00 3.93 -9.95
C LEU B 182 23.24 4.82 -9.87
N ASP B 183 23.32 5.84 -10.75
CA ASP B 183 24.48 6.68 -10.81
C ASP B 183 24.24 7.87 -9.90
N VAL B 184 24.96 7.90 -8.77
CA VAL B 184 24.74 9.00 -7.80
C VAL B 184 25.17 10.38 -8.31
N ALA B 185 25.85 10.44 -9.46
CA ALA B 185 26.19 11.71 -10.10
C ALA B 185 25.05 12.28 -10.96
N ARG B 186 24.11 11.43 -11.35
CA ARG B 186 23.03 11.78 -12.27
C ARG B 186 21.61 11.67 -11.67
N ALA B 187 21.39 10.64 -10.86
CA ALA B 187 20.09 10.36 -10.25
C ALA B 187 19.78 11.32 -9.13
N ASN B 188 18.49 11.53 -8.85
CA ASN B 188 18.13 12.15 -7.60
C ASN B 188 18.77 11.37 -6.43
N THR B 189 19.45 12.05 -5.51
CA THR B 189 20.08 11.34 -4.39
C THR B 189 19.79 11.97 -3.03
N GLY B 190 20.20 11.28 -1.98
CA GLY B 190 20.14 11.80 -0.61
C GLY B 190 20.82 10.84 0.34
N THR B 191 20.84 11.19 1.62
CA THR B 191 21.38 10.32 2.66
C THR B 191 20.31 10.15 3.73
N ALA B 192 20.48 9.18 4.62
CA ALA B 192 19.50 9.03 5.73
C ALA B 192 19.42 10.33 6.54
N ARG B 193 20.59 10.92 6.81
CA ARG B 193 20.71 12.17 7.58
C ARG B 193 19.99 13.29 6.88
N ALA B 194 20.15 13.40 5.57
CA ALA B 194 19.44 14.43 4.84
C ALA B 194 17.91 14.29 5.05
N PHE B 195 17.39 13.07 4.96
CA PHE B 195 15.94 12.88 5.22
C PHE B 195 15.56 13.08 6.69
N VAL B 196 16.39 12.62 7.62
CA VAL B 196 16.08 12.91 9.03
C VAL B 196 16.02 14.43 9.26
N ASP B 197 16.98 15.20 8.72
CA ASP B 197 16.93 16.66 8.89
C ASP B 197 15.66 17.31 8.32
N LEU B 198 15.22 16.80 7.15
CA LEU B 198 13.99 17.26 6.51
C LEU B 198 12.77 16.97 7.40
N LEU B 199 12.68 15.72 7.86
CA LEU B 199 11.57 15.30 8.73
C LEU B 199 11.55 16.11 10.01
N GLU B 200 12.73 16.36 10.59
CA GLU B 200 12.77 17.17 11.81
C GLU B 200 12.19 18.56 11.56
N ALA B 201 12.60 19.17 10.45
CA ALA B 201 12.09 20.48 10.08
C ALA B 201 10.57 20.43 9.84
N LEU B 202 10.08 19.37 9.17
CA LEU B 202 8.62 19.22 8.95
C LEU B 202 7.78 19.11 10.24
N TRP B 203 8.36 18.47 11.25
CA TRP B 203 7.67 18.24 12.51
C TRP B 203 7.95 19.34 13.55
N ALA B 204 9.04 20.09 13.41
CA ALA B 204 9.37 21.17 14.38
C ALA B 204 8.17 22.03 14.78
N PRO B 205 7.28 22.44 13.83
CA PRO B 205 6.19 23.30 14.31
C PRO B 205 5.25 22.68 15.34
N VAL B 206 5.21 21.36 15.45
CA VAL B 206 4.38 20.75 16.49
C VAL B 206 5.21 20.17 17.64
N LEU B 207 6.53 20.30 17.59
CA LEU B 207 7.37 19.85 18.71
C LEU B 207 7.44 20.94 19.77
N THR B 208 6.88 20.64 20.94
CA THR B 208 6.79 21.57 22.06
C THR B 208 8.07 21.60 22.88
N GLY B 209 8.20 22.62 23.73
CA GLY B 209 9.32 22.72 24.62
C GLY B 209 10.41 23.61 24.07
N PRO B 210 11.43 23.89 24.87
CA PRO B 210 12.54 24.68 24.33
C PRO B 210 13.25 23.89 23.24
N ALA B 218 13.87 26.18 9.22
CA ALA B 218 12.66 26.72 9.83
C ALA B 218 11.52 26.90 8.83
N LEU B 219 10.87 25.80 8.47
CA LEU B 219 9.86 25.78 7.43
C LEU B 219 8.57 26.53 7.79
N PRO B 220 7.90 27.14 6.78
CA PRO B 220 6.63 27.79 7.09
C PRO B 220 5.64 26.72 7.54
N PRO B 221 4.86 27.03 8.58
CA PRO B 221 4.06 25.98 9.23
C PRO B 221 2.93 25.40 8.39
N GLU B 222 2.30 26.18 7.52
CA GLU B 222 1.19 25.68 6.70
C GLU B 222 1.63 24.60 5.71
N PRO B 223 2.65 24.87 4.85
CA PRO B 223 3.20 23.79 4.02
C PRO B 223 3.70 22.56 4.80
N ALA B 224 4.39 22.77 5.92
CA ALA B 224 4.81 21.64 6.78
C ALA B 224 3.62 20.78 7.26
N ALA B 225 2.56 21.43 7.74
CA ALA B 225 1.38 20.71 8.20
C ALA B 225 0.76 19.90 7.07
N ARG B 226 0.64 20.53 5.90
CA ARG B 226 0.09 19.79 4.76
C ARG B 226 0.96 18.56 4.36
N LEU B 227 2.26 18.69 4.41
CA LEU B 227 3.13 17.55 4.10
C LEU B 227 3.05 16.45 5.17
N ARG B 228 2.99 16.85 6.44
CA ARG B 228 2.75 15.85 7.50
C ARG B 228 1.46 15.05 7.25
N GLU B 229 0.40 15.75 6.82
CA GLU B 229 -0.90 15.15 6.54
C GLU B 229 -0.81 14.18 5.36
N LEU B 230 -0.14 14.60 4.29
CA LEU B 230 0.13 13.71 3.13
C LEU B 230 0.90 12.43 3.51
N MET B 231 1.92 12.60 4.35
CA MET B 231 2.71 11.47 4.81
C MET B 231 1.89 10.55 5.71
N ALA B 232 0.99 11.12 6.51
CA ALA B 232 0.14 10.26 7.33
C ALA B 232 -0.79 9.41 6.46
N ALA B 233 -1.16 9.94 5.28
CA ALA B 233 -2.13 9.32 4.40
C ALA B 233 -1.42 8.36 3.42
N ASN B 234 -0.11 8.14 3.60
CA ASN B 234 0.63 7.21 2.73
C ASN B 234 -0.05 5.84 2.64
N LEU B 235 -0.23 5.32 1.43
CA LEU B 235 -0.94 4.04 1.26
C LEU B 235 -0.01 2.84 1.26
N LEU B 236 1.30 3.08 1.13
CA LEU B 236 2.23 1.99 0.95
C LEU B 236 2.79 1.59 2.30
N ARG B 237 2.08 0.70 2.97
CA ARG B 237 2.33 0.44 4.41
C ARG B 237 2.88 -0.95 4.68
N HIS B 238 3.66 -1.46 3.73
CA HIS B 238 4.10 -2.85 3.73
C HIS B 238 5.58 -3.01 4.13
N ARG B 239 6.25 -1.89 4.44
CA ARG B 239 7.72 -1.94 4.62
C ARG B 239 8.03 -1.74 6.09
N LEU B 240 8.22 -0.50 6.52
CA LEU B 240 8.42 -0.21 7.96
C LEU B 240 7.13 -0.13 8.82
N ALA B 241 6.01 0.19 8.18
CA ALA B 241 4.79 0.46 8.91
C ALA B 241 4.34 -0.69 9.86
N PRO B 242 4.45 -1.96 9.43
CA PRO B 242 4.08 -3.05 10.37
C PRO B 242 4.89 -3.08 11.67
N ASP B 243 6.13 -2.59 11.64
CA ASP B 243 6.97 -2.56 12.82
C ASP B 243 6.86 -1.27 13.62
N PHE B 244 6.27 -0.22 13.03
CA PHE B 244 6.18 1.08 13.71
C PHE B 244 4.78 1.52 14.13
N ALA B 245 3.79 1.17 13.32
CA ALA B 245 2.39 1.49 13.64
C ALA B 245 1.81 0.53 14.67
N SER B 246 0.99 1.06 15.59
CA SER B 246 0.28 0.25 16.58
C SER B 246 -0.84 1.10 17.19
N ASP B 247 -1.58 0.53 18.15
CA ASP B 247 -2.61 1.30 18.84
C ASP B 247 -1.99 2.47 19.60
N ALA B 248 -0.70 2.35 19.94
CA ALA B 248 0.01 3.37 20.72
C ALA B 248 1.11 4.11 19.94
N ALA B 249 1.06 4.03 18.61
CA ALA B 249 2.01 4.76 17.78
C ALA B 249 1.47 5.02 16.38
N THR B 250 1.62 6.25 15.91
CA THR B 250 1.25 6.59 14.56
C THR B 250 2.52 6.63 13.72
N TRP B 251 2.40 6.20 12.47
CA TRP B 251 3.54 6.17 11.53
C TRP B 251 3.16 6.92 10.24
N SER B 252 3.93 7.96 9.89
CA SER B 252 3.68 8.74 8.67
C SER B 252 4.95 8.64 7.84
N SER B 253 4.88 8.30 6.55
CA SER B 253 6.13 7.98 5.85
C SER B 253 6.02 8.10 4.33
N LYS B 254 7.17 7.97 3.64
CA LYS B 254 7.27 7.86 2.20
C LYS B 254 8.21 6.71 1.91
N THR B 255 7.74 5.78 1.09
CA THR B 255 8.61 4.69 0.62
C THR B 255 9.26 5.04 -0.71
N GLY B 256 10.33 4.34 -1.06
CA GLY B 256 10.82 4.42 -2.45
C GLY B 256 11.33 3.05 -2.84
N THR B 257 10.99 2.64 -4.05
CA THR B 257 11.35 1.33 -4.57
C THR B 257 11.66 1.44 -6.05
N LEU B 258 12.86 1.00 -6.41
CA LEU B 258 13.25 0.99 -7.82
C LEU B 258 14.44 0.06 -7.96
N LEU B 259 14.45 -0.78 -9.00
CA LEU B 259 15.54 -1.72 -9.20
C LEU B 259 15.81 -2.45 -7.87
N ASN B 260 17.03 -2.37 -7.33
CA ASN B 260 17.35 -3.06 -6.08
C ASN B 260 17.32 -2.10 -4.89
N LEU B 261 16.74 -0.93 -5.10
CA LEU B 261 16.59 0.06 -4.02
C LEU B 261 15.29 -0.12 -3.28
N ARG B 262 15.34 -0.08 -1.94
CA ARG B 262 14.13 -0.12 -1.08
C ARG B 262 14.40 0.82 0.08
N HIS B 263 13.63 1.89 0.12
CA HIS B 263 13.80 2.94 1.09
C HIS B 263 12.48 3.19 1.80
N GLU B 264 12.60 3.79 2.97
CA GLU B 264 11.48 4.44 3.60
C GLU B 264 11.95 5.45 4.64
N VAL B 265 11.31 6.62 4.64
CA VAL B 265 11.61 7.64 5.65
C VAL B 265 10.30 8.06 6.29
N GLY B 266 10.32 8.32 7.60
CA GLY B 266 9.07 8.60 8.27
C GLY B 266 9.24 9.02 9.70
N VAL B 267 8.11 9.30 10.33
CA VAL B 267 8.14 9.74 11.74
C VAL B 267 7.15 8.88 12.48
N VAL B 268 7.63 8.31 13.59
CA VAL B 268 6.76 7.59 14.50
C VAL B 268 6.42 8.52 15.68
N GLU B 269 5.13 8.61 15.97
CA GLU B 269 4.62 9.43 17.09
C GLU B 269 3.98 8.51 18.11
N HIS B 270 4.63 8.37 19.25
CA HIS B 270 4.14 7.49 20.31
C HIS B 270 3.03 8.15 21.08
N ALA B 271 2.16 7.32 21.65
CA ALA B 271 1.04 7.78 22.45
C ALA B 271 1.52 8.51 23.69
N ASP B 272 2.74 8.21 24.15
CA ASP B 272 3.29 8.90 25.33
C ASP B 272 3.98 10.22 24.99
N GLY B 273 4.02 10.56 23.69
CA GLY B 273 4.54 11.85 23.28
C GLY B 273 5.93 11.84 22.65
N GLN B 274 6.62 10.70 22.74
CA GLN B 274 7.92 10.57 22.08
C GLN B 274 7.72 10.60 20.56
N VAL B 275 8.70 11.18 19.86
CA VAL B 275 8.63 11.34 18.41
C VAL B 275 10.01 11.04 17.84
N PHE B 276 10.09 10.12 16.86
CA PHE B 276 11.37 9.76 16.26
C PHE B 276 11.26 9.88 14.77
N ALA B 277 12.26 10.48 14.14
CA ALA B 277 12.36 10.40 12.68
C ALA B 277 13.22 9.20 12.37
N VAL B 278 12.84 8.45 11.34
CA VAL B 278 13.49 7.22 10.91
C VAL B 278 13.77 7.31 9.42
N ALA B 279 15.01 7.07 9.01
CA ALA B 279 15.35 7.03 7.59
C ALA B 279 16.12 5.74 7.29
N VAL B 280 15.61 5.01 6.30
CA VAL B 280 16.21 3.77 5.84
C VAL B 280 16.39 3.88 4.34
N LEU B 281 17.64 3.81 3.85
CA LEU B 281 17.85 3.66 2.42
C LEU B 281 18.69 2.42 2.20
N THR B 282 18.22 1.49 1.39
CA THR B 282 18.93 0.26 1.17
C THR B 282 19.06 -0.10 -0.28
N GLU B 283 20.10 -0.88 -0.55
CA GLU B 283 20.27 -1.54 -1.83
C GLU B 283 20.65 -3.00 -1.60
N SER B 284 20.09 -3.89 -2.42
CA SER B 284 20.20 -5.30 -2.18
C SER B 284 21.16 -5.93 -3.20
N GLN B 285 21.92 -6.92 -2.76
CA GLN B 285 22.82 -7.68 -3.64
C GLN B 285 22.08 -8.92 -4.17
N VAL B 286 20.83 -9.09 -3.75
CA VAL B 286 19.97 -10.20 -4.23
C VAL B 286 19.11 -9.67 -5.39
N PRO B 287 19.19 -10.31 -6.57
CA PRO B 287 18.50 -9.80 -7.78
C PRO B 287 16.95 -9.60 -7.68
N ALA B 288 16.28 -10.43 -6.88
CA ALA B 288 14.80 -10.53 -6.90
C ALA B 288 14.10 -9.22 -6.56
N ASP B 289 13.10 -8.84 -7.35
CA ASP B 289 12.31 -7.62 -7.03
C ASP B 289 11.49 -7.79 -5.76
N SER B 290 10.95 -8.99 -5.59
CA SER B 290 10.04 -9.31 -4.51
C SER B 290 10.82 -9.94 -3.33
N GLN B 291 11.10 -9.11 -2.31
CA GLN B 291 11.90 -9.54 -1.16
C GLN B 291 11.29 -9.16 0.21
N PRO B 292 10.19 -9.85 0.59
CA PRO B 292 9.48 -9.54 1.82
C PRO B 292 10.37 -9.73 3.07
N GLY B 293 11.29 -10.69 3.01
CA GLY B 293 12.28 -10.96 4.07
C GLY B 293 13.23 -9.79 4.25
N ALA B 294 13.70 -9.21 3.13
CA ALA B 294 14.52 -7.98 3.16
C ALA B 294 13.75 -6.85 3.80
N GLU B 295 12.47 -6.70 3.44
CA GLU B 295 11.61 -5.67 4.05
C GLU B 295 11.50 -5.85 5.55
N ALA B 296 11.25 -7.08 5.97
CA ALA B 296 11.14 -7.40 7.38
C ALA B 296 12.44 -7.09 8.11
N LEU B 297 13.57 -7.45 7.50
CA LEU B 297 14.90 -7.16 8.06
C LEU B 297 15.20 -5.67 8.22
N MET B 298 15.02 -4.88 7.16
CA MET B 298 15.36 -3.46 7.28
C MET B 298 14.44 -2.82 8.32
N ALA B 299 13.18 -3.27 8.35
CA ALA B 299 12.24 -2.81 9.37
C ALA B 299 12.66 -3.16 10.80
N GLN B 300 13.10 -4.40 11.02
CA GLN B 300 13.59 -4.82 12.33
C GLN B 300 14.78 -3.98 12.76
N VAL B 301 15.70 -3.75 11.82
CA VAL B 301 16.87 -2.91 12.11
C VAL B 301 16.50 -1.51 12.54
N ALA B 302 15.62 -0.86 11.78
CA ALA B 302 15.12 0.48 12.16
C ALA B 302 14.44 0.45 13.52
N ARG B 303 13.60 -0.57 13.74
CA ARG B 303 12.87 -0.69 15.00
C ARG B 303 13.82 -0.85 16.19
N ARG B 304 14.84 -1.70 16.05
CA ARG B 304 15.84 -1.88 17.14
C ARG B 304 16.64 -0.60 17.45
N LEU B 305 16.99 0.17 16.41
CA LEU B 305 17.62 1.48 16.61
C LEU B 305 16.72 2.41 17.41
N ARG B 306 15.45 2.51 17.00
CA ARG B 306 14.48 3.35 17.74
C ARG B 306 14.32 2.84 19.18
N ASP B 307 14.12 1.54 19.34
CA ASP B 307 13.98 0.94 20.68
C ASP B 307 15.15 1.26 21.60
N ARG B 308 16.37 1.24 21.08
CA ARG B 308 17.52 1.60 21.91
C ARG B 308 17.47 3.05 22.41
N LEU B 309 17.12 3.97 21.51
CA LEU B 309 16.95 5.38 21.90
C LEU B 309 15.80 5.57 22.87
N ARG B 310 14.70 4.88 22.64
CA ARG B 310 13.53 4.91 23.52
C ARG B 310 13.90 4.39 24.92
N GLU B 311 14.73 3.34 24.99
CA GLU B 311 15.19 2.78 26.28
C GLU B 311 16.24 3.66 26.95
N TRP B 312 16.97 4.41 26.14
CA TRP B 312 18.03 5.32 26.56
C TRP B 312 17.51 6.35 27.58
N HIS B 313 17.92 6.15 28.83
CA HIS B 313 17.50 6.88 30.04
C HIS B 313 16.30 7.83 29.95
C1 GOL C . -2.49 -29.28 18.32
O1 GOL C . -2.39 -30.69 18.53
C2 GOL C . -2.78 -28.62 19.65
O2 GOL C . -4.06 -29.05 20.13
C3 GOL C . -2.78 -27.12 19.41
O3 GOL C . -3.26 -26.53 20.58
C1 GOL D . -4.63 15.50 0.72
O1 GOL D . -4.98 16.80 0.30
C2 GOL D . -4.72 15.33 2.22
O2 GOL D . -6.02 15.71 2.65
C3 GOL D . -4.43 13.86 2.50
O3 GOL D . -5.52 13.26 3.16
#